data_4HK8
#
_entry.id   4HK8
#
_cell.length_a   38.492
_cell.length_b   45.526
_cell.length_c   111.417
_cell.angle_alpha   90.00
_cell.angle_beta   90.00
_cell.angle_gamma   90.00
#
_symmetry.space_group_name_H-M   'P 21 2 21'
#
loop_
_entity.id
_entity.type
_entity.pdbx_description
1 polymer 'Endo-1,4-beta-xylanase 2'
2 branched beta-D-xylopyranose-(1-4)-beta-D-xylopyranose-(1-4)-beta-D-xylopyranose-(1-4)-beta-D-xylopyranose-(1-4)-beta-D-xylopyranose-(1-4)-beta-D-xylopyranose
3 non-polymer GLYCEROL
4 non-polymer 'CITRIC ACID'
5 water water
#
_entity_poly.entity_id   1
_entity_poly.type   'polypeptide(L)'
_entity_poly.pdbx_seq_one_letter_code
;TIQPGTGYNNGYFYSYWNDGHGGVTYTNGPGGQFSVNWSNSGNFVGGKGWQPGTKNKVINFSGSYNPNGNSYLSVYGWSR
NPLIEYYIVENFGTYNPSTGATKLGEVTSDGSVYDIYRTQRVNQPSIIGTATFYQYWSVRRNHRSSGSVNTANHFNAWAQ
QGLTLGTMDYQIVAVQGYFSSGSASITVS
;
_entity_poly.pdbx_strand_id   A
#
loop_
_chem_comp.id
_chem_comp.type
_chem_comp.name
_chem_comp.formula
CIT non-polymer 'CITRIC ACID' 'C6 H8 O7'
GOL non-polymer GLYCEROL 'C3 H8 O3'
XYP D-saccharide, beta linking beta-D-xylopyranose 'C5 H10 O5'
#
# COMPACT_ATOMS: atom_id res chain seq x y z
N THR A 1 -2.48 -2.67 20.26
CA THR A 1 -1.16 -2.41 19.67
C THR A 1 -0.34 -3.69 19.65
N ILE A 2 0.39 -3.92 18.55
CA ILE A 2 1.07 -5.19 18.33
C ILE A 2 2.46 -5.08 17.72
N GLN A 3 3.22 -6.17 17.82
CA GLN A 3 4.54 -6.26 17.18
C GLN A 3 4.38 -6.65 15.71
N PRO A 4 5.43 -6.45 14.91
CA PRO A 4 5.33 -6.81 13.50
C PRO A 4 4.93 -8.27 13.30
N GLY A 5 4.04 -8.47 12.34
CA GLY A 5 3.57 -9.79 11.99
C GLY A 5 2.33 -9.64 11.12
N THR A 6 1.73 -10.78 10.82
CA THR A 6 0.48 -10.84 10.08
C THR A 6 -0.51 -11.68 10.85
N GLY A 7 -1.77 -11.51 10.49
CA GLY A 7 -2.82 -12.28 11.11
C GLY A 7 -4.18 -11.82 10.66
N TYR A 8 -5.18 -12.14 11.45
CA TYR A 8 -6.57 -11.83 11.14
C TYR A 8 -7.19 -11.19 12.37
N ASN A 9 -7.97 -10.14 12.15
CA ASN A 9 -8.56 -9.37 13.21
C ASN A 9 -9.93 -8.88 12.75
N ASN A 10 -10.97 -9.31 13.44
CA ASN A 10 -12.32 -8.82 13.19
C ASN A 10 -12.78 -8.98 11.74
N GLY A 11 -12.37 -10.08 11.11
CA GLY A 11 -12.79 -10.41 9.76
C GLY A 11 -11.86 -9.98 8.66
N TYR A 12 -10.77 -9.31 9.03
CA TYR A 12 -9.82 -8.73 8.07
C TYR A 12 -8.43 -9.29 8.29
N PHE A 13 -7.73 -9.58 7.22
CA PHE A 13 -6.29 -9.79 7.30
C PHE A 13 -5.61 -8.48 7.72
N TYR A 14 -4.50 -8.60 8.43
CA TYR A 14 -3.63 -7.43 8.62
C TYR A 14 -2.19 -7.85 8.42
N SER A 15 -1.39 -6.89 7.97
CA SER A 15 0.05 -7.01 7.96
C SER A 15 0.65 -5.75 8.57
N TYR A 16 1.56 -5.93 9.50
CA TYR A 16 2.35 -4.83 10.03
C TYR A 16 3.82 -5.25 9.95
N TRP A 17 4.59 -4.53 9.16
CA TRP A 17 6.00 -4.82 8.96
C TRP A 17 6.80 -3.55 9.24
N ASN A 18 7.94 -3.69 9.88
CA ASN A 18 8.89 -2.60 9.90
C ASN A 18 10.30 -3.13 9.74
N ASP A 19 11.23 -2.22 9.47
CA ASP A 19 12.62 -2.58 9.20
C ASP A 19 13.46 -2.79 10.44
N GLY A 20 12.83 -2.81 11.61
CA GLY A 20 13.56 -3.03 12.85
C GLY A 20 13.84 -1.75 13.63
N HIS A 21 13.72 -0.62 12.96
N HIS A 21 13.65 -0.63 12.97
CA HIS A 21 13.91 0.67 13.63
CA HIS A 21 13.84 0.68 13.55
C HIS A 21 12.66 0.99 14.44
C HIS A 21 12.62 1.01 14.43
N GLY A 22 12.86 1.65 15.57
CA GLY A 22 11.78 2.00 16.45
C GLY A 22 11.02 3.22 15.94
N GLY A 23 10.07 3.68 16.75
CA GLY A 23 9.34 4.89 16.46
C GLY A 23 7.98 4.68 15.82
N VAL A 24 7.50 3.45 15.76
CA VAL A 24 6.20 3.18 15.14
C VAL A 24 5.30 2.41 16.09
N THR A 25 4.04 2.81 16.16
CA THR A 25 3.03 2.10 16.92
C THR A 25 1.88 1.79 15.96
N TYR A 26 1.56 0.51 15.81
CA TYR A 26 0.46 0.03 14.98
C TYR A 26 -0.58 -0.62 15.88
N THR A 27 -1.84 -0.27 15.67
CA THR A 27 -2.92 -0.80 16.48
C THR A 27 -4.10 -1.26 15.60
N ASN A 28 -4.58 -2.48 15.82
CA ASN A 28 -5.82 -2.93 15.22
C ASN A 28 -6.99 -2.47 16.05
N GLY A 29 -8.02 -1.96 15.37
CA GLY A 29 -9.26 -1.58 15.99
C GLY A 29 -10.39 -2.51 15.60
N PRO A 30 -11.61 -2.13 15.98
CA PRO A 30 -12.79 -2.91 15.63
C PRO A 30 -13.00 -2.96 14.12
N GLY A 31 -13.65 -4.01 13.65
CA GLY A 31 -14.00 -4.11 12.26
C GLY A 31 -12.79 -3.99 11.36
N GLY A 32 -12.90 -3.16 10.33
CA GLY A 32 -11.80 -2.96 9.40
C GLY A 32 -10.86 -1.82 9.77
N GLN A 33 -10.84 -1.40 11.03
CA GLN A 33 -10.09 -0.22 11.44
C GLN A 33 -8.68 -0.56 11.92
N PHE A 34 -7.74 0.30 11.58
CA PHE A 34 -6.41 0.26 12.17
C PHE A 34 -5.89 1.67 12.28
N SER A 35 -4.89 1.86 13.12
CA SER A 35 -4.26 3.15 13.20
C SER A 35 -2.76 3.00 13.38
N VAL A 36 -2.03 4.03 12.99
CA VAL A 36 -0.59 4.04 13.12
C VAL A 36 -0.17 5.42 13.59
N ASN A 37 0.82 5.46 14.48
N ASN A 37 0.78 5.46 14.52
CA ASN A 37 1.40 6.71 14.92
CA ASN A 37 1.39 6.70 14.93
C ASN A 37 2.90 6.53 14.95
C ASN A 37 2.88 6.48 14.88
N TRP A 38 3.61 7.42 14.27
CA TRP A 38 5.04 7.22 14.12
C TRP A 38 5.79 8.53 14.31
N SER A 39 6.99 8.40 14.86
CA SER A 39 7.83 9.55 15.18
C SER A 39 9.26 9.16 14.92
N ASN A 40 9.88 9.79 13.93
CA ASN A 40 11.25 9.43 13.54
C ASN A 40 11.39 7.93 13.33
N SER A 41 10.55 7.40 12.45
CA SER A 41 10.53 5.97 12.15
C SER A 41 11.70 5.57 11.25
N GLY A 42 11.78 4.28 10.94
CA GLY A 42 12.47 3.82 9.75
C GLY A 42 11.43 3.60 8.65
N ASN A 43 11.58 2.53 7.90
CA ASN A 43 10.58 2.11 6.91
C ASN A 43 9.60 1.15 7.57
N PHE A 44 8.31 1.38 7.37
CA PHE A 44 7.28 0.46 7.84
C PHE A 44 6.08 0.51 6.91
N VAL A 45 5.33 -0.58 6.90
CA VAL A 45 4.09 -0.71 6.15
C VAL A 45 3.09 -1.47 6.98
N GLY A 46 1.91 -0.90 7.23
CA GLY A 46 0.88 -1.63 7.95
C GLY A 46 -0.52 -1.30 7.48
N GLY A 47 -1.41 -2.29 7.57
CA GLY A 47 -2.81 -2.07 7.32
C GLY A 47 -3.62 -3.34 7.25
N LYS A 48 -4.89 -3.16 6.88
CA LYS A 48 -5.89 -4.23 6.89
C LYS A 48 -6.46 -4.47 5.50
N GLY A 49 -6.92 -5.68 5.29
CA GLY A 49 -7.56 -6.05 4.05
C GLY A 49 -7.82 -7.54 3.98
N TRP A 50 -7.19 -8.18 2.99
CA TRP A 50 -7.57 -9.52 2.57
C TRP A 50 -6.34 -10.38 2.27
N GLN A 51 -6.47 -11.67 2.54
CA GLN A 51 -5.47 -12.64 2.14
C GLN A 51 -6.22 -13.88 1.64
N PRO A 52 -6.10 -14.20 0.34
CA PRO A 52 -5.47 -13.41 -0.71
C PRO A 52 -6.37 -12.29 -1.18
N GLY A 53 -5.76 -11.32 -1.85
CA GLY A 53 -6.53 -10.35 -2.62
C GLY A 53 -7.13 -10.95 -3.86
N THR A 54 -7.87 -10.14 -4.59
CA THR A 54 -8.39 -10.54 -5.89
C THR A 54 -8.10 -9.45 -6.92
N LYS A 55 -8.28 -9.81 -8.19
CA LYS A 55 -8.03 -8.90 -9.29
C LYS A 55 -9.28 -8.10 -9.67
N ASN A 56 -10.35 -8.23 -8.90
N ASN A 56 -10.36 -8.24 -8.91
CA ASN A 56 -11.59 -7.50 -9.18
CA ASN A 56 -11.58 -7.47 -9.17
C ASN A 56 -12.14 -6.76 -7.96
C ASN A 56 -12.18 -6.88 -7.91
N LYS A 57 -11.38 -6.70 -6.87
CA LYS A 57 -11.90 -6.16 -5.62
C LYS A 57 -12.16 -4.67 -5.73
N VAL A 58 -13.27 -4.23 -5.15
CA VAL A 58 -13.55 -2.82 -4.94
C VAL A 58 -13.30 -2.56 -3.45
N ILE A 59 -12.30 -1.73 -3.16
CA ILE A 59 -11.83 -1.51 -1.79
C ILE A 59 -12.25 -0.14 -1.33
N ASN A 60 -12.93 -0.08 -0.19
CA ASN A 60 -13.35 1.19 0.38
C ASN A 60 -12.47 1.55 1.57
N PHE A 61 -12.19 2.83 1.72
CA PHE A 61 -11.38 3.28 2.84
C PHE A 61 -11.84 4.67 3.27
N SER A 62 -11.67 4.95 4.55
CA SER A 62 -11.95 6.27 5.06
C SER A 62 -11.20 6.48 6.37
N GLY A 63 -11.03 7.75 6.72
CA GLY A 63 -10.42 8.10 7.99
C GLY A 63 -9.54 9.31 7.84
N SER A 64 -8.51 9.37 8.68
CA SER A 64 -7.60 10.50 8.69
C SER A 64 -6.20 10.05 8.34
N TYR A 65 -5.47 10.93 7.69
CA TYR A 65 -4.14 10.63 7.22
C TYR A 65 -3.34 11.91 7.35
N ASN A 66 -2.39 11.93 8.27
CA ASN A 66 -1.67 13.14 8.65
C ASN A 66 -0.17 12.89 8.69
N PRO A 67 0.44 12.69 7.52
CA PRO A 67 1.88 12.47 7.50
C PRO A 67 2.67 13.76 7.72
N ASN A 68 3.86 13.62 8.30
CA ASN A 68 4.83 14.71 8.42
C ASN A 68 6.14 14.22 7.83
N GLY A 69 6.24 14.30 6.51
CA GLY A 69 7.38 13.77 5.79
C GLY A 69 6.97 12.69 4.80
N ASN A 70 7.90 11.78 4.55
CA ASN A 70 7.73 10.77 3.52
C ASN A 70 6.80 9.66 4.00
N SER A 71 5.64 9.54 3.37
CA SER A 71 4.63 8.57 3.75
C SER A 71 3.69 8.36 2.57
N TYR A 72 3.11 7.17 2.48
CA TYR A 72 2.10 6.87 1.47
C TYR A 72 0.84 6.30 2.13
N LEU A 73 -0.31 6.52 1.47
CA LEU A 73 -1.57 5.87 1.77
C LEU A 73 -2.03 5.19 0.49
N SER A 74 -2.11 3.87 0.49
CA SER A 74 -2.27 3.12 -0.75
C SER A 74 -3.09 1.87 -0.58
N VAL A 75 -3.69 1.40 -1.67
CA VAL A 75 -3.96 -0.02 -1.80
C VAL A 75 -2.63 -0.66 -2.16
N TYR A 76 -2.25 -1.68 -1.39
CA TYR A 76 -0.90 -2.22 -1.42
C TYR A 76 -1.00 -3.73 -1.34
N GLY A 77 -0.21 -4.42 -2.13
CA GLY A 77 -0.23 -5.88 -2.06
C GLY A 77 0.83 -6.53 -2.88
N TRP A 78 0.74 -7.84 -2.95
CA TRP A 78 1.72 -8.64 -3.63
C TRP A 78 1.08 -9.70 -4.52
N SER A 79 1.83 -10.10 -5.54
CA SER A 79 1.57 -11.37 -6.21
C SER A 79 2.80 -12.26 -6.15
N ARG A 80 2.59 -13.53 -6.48
CA ARG A 80 3.64 -14.53 -6.65
C ARG A 80 3.61 -15.08 -8.10
N ASN A 81 4.80 -15.38 -8.65
CA ASN A 81 4.92 -15.96 -9.98
C ASN A 81 4.11 -15.19 -11.05
N PRO A 82 4.50 -13.93 -11.32
CA PRO A 82 5.68 -13.24 -10.81
C PRO A 82 5.50 -12.63 -9.42
N LEU A 83 6.63 -12.44 -8.75
CA LEU A 83 6.69 -11.73 -7.49
C LEU A 83 6.66 -10.24 -7.76
N ILE A 84 5.59 -9.58 -7.35
CA ILE A 84 5.39 -8.16 -7.61
C ILE A 84 4.85 -7.54 -6.34
N GLU A 85 5.42 -6.38 -5.99
CA GLU A 85 4.88 -5.51 -4.95
C GLU A 85 4.16 -4.38 -5.68
N TYR A 86 2.89 -4.14 -5.38
CA TYR A 86 2.14 -3.12 -6.11
C TYR A 86 1.47 -2.13 -5.18
N TYR A 87 1.27 -0.94 -5.73
CA TYR A 87 0.72 0.20 -5.04
C TYR A 87 -0.28 0.94 -5.93
N ILE A 88 -1.45 1.25 -5.37
CA ILE A 88 -2.37 2.22 -5.94
C ILE A 88 -2.42 3.33 -4.90
N VAL A 89 -1.64 4.38 -5.15
CA VAL A 89 -1.35 5.41 -4.14
C VAL A 89 -2.40 6.49 -4.20
N GLU A 90 -3.15 6.63 -3.10
CA GLU A 90 -4.26 7.57 -3.01
C GLU A 90 -3.85 8.90 -2.41
N ASN A 91 -2.78 8.90 -1.62
CA ASN A 91 -2.29 10.12 -0.97
C ASN A 91 -0.84 9.87 -0.57
N PHE A 92 -0.07 10.93 -0.39
CA PHE A 92 1.29 10.80 0.10
C PHE A 92 1.71 12.11 0.75
N GLY A 93 2.86 12.07 1.42
CA GLY A 93 3.40 13.23 2.13
C GLY A 93 4.30 14.07 1.25
N THR A 94 5.57 14.20 1.66
CA THR A 94 6.49 15.10 0.99
C THR A 94 7.17 14.51 -0.24
N TYR A 95 7.07 13.20 -0.45
CA TYR A 95 7.81 12.54 -1.52
C TYR A 95 6.89 11.73 -2.42
N ASN A 96 6.86 12.08 -3.70
CA ASN A 96 6.13 11.28 -4.67
C ASN A 96 6.93 10.00 -4.93
N PRO A 97 6.33 8.83 -4.67
CA PRO A 97 7.09 7.57 -4.79
C PRO A 97 7.57 7.29 -6.22
N SER A 98 7.01 7.96 -7.22
CA SER A 98 7.44 7.77 -8.59
C SER A 98 8.58 8.70 -9.02
N THR A 99 9.12 9.48 -8.09
CA THR A 99 10.22 10.38 -8.42
C THR A 99 11.35 9.58 -9.05
N GLY A 100 11.82 10.01 -10.23
CA GLY A 100 12.91 9.34 -10.91
C GLY A 100 12.49 8.10 -11.70
N ALA A 101 11.25 7.66 -11.54
CA ALA A 101 10.80 6.45 -12.22
C ALA A 101 10.32 6.73 -13.64
N THR A 102 10.40 5.73 -14.50
CA THR A 102 9.93 5.87 -15.86
C THR A 102 8.43 5.62 -15.95
N LYS A 103 7.70 6.63 -16.42
CA LYS A 103 6.27 6.52 -16.62
C LYS A 103 5.97 5.61 -17.80
N LEU A 104 4.91 4.81 -17.67
CA LEU A 104 4.46 3.90 -18.73
C LEU A 104 3.07 4.20 -19.27
N GLY A 105 2.30 5.02 -18.58
CA GLY A 105 0.99 5.37 -19.07
C GLY A 105 0.13 6.00 -17.99
N GLU A 106 -1.16 6.03 -18.24
CA GLU A 106 -2.14 6.64 -17.34
C GLU A 106 -3.39 5.77 -17.32
N VAL A 107 -4.15 5.89 -16.23
CA VAL A 107 -5.46 5.26 -16.13
C VAL A 107 -6.37 6.19 -15.37
N THR A 108 -7.63 6.25 -15.76
CA THR A 108 -8.65 7.02 -15.05
C THR A 108 -9.53 6.06 -14.27
N SER A 109 -9.67 6.31 -12.97
CA SER A 109 -10.47 5.44 -12.12
C SER A 109 -10.93 6.20 -10.90
N ASP A 110 -12.17 5.95 -10.47
CA ASP A 110 -12.65 6.44 -9.19
C ASP A 110 -12.42 7.93 -9.02
N GLY A 111 -12.65 8.68 -10.09
CA GLY A 111 -12.64 10.12 -10.01
C GLY A 111 -11.33 10.84 -10.25
N SER A 112 -10.28 10.14 -10.66
CA SER A 112 -9.00 10.80 -10.94
C SER A 112 -8.21 10.07 -12.00
N VAL A 113 -7.35 10.81 -12.67
CA VAL A 113 -6.27 10.20 -13.43
C VAL A 113 -5.18 9.75 -12.47
N TYR A 114 -4.57 8.62 -12.82
CA TYR A 114 -3.41 8.07 -12.16
C TYR A 114 -2.30 7.90 -13.19
N ASP A 115 -1.07 8.17 -12.79
CA ASP A 115 0.10 7.90 -13.59
C ASP A 115 0.69 6.54 -13.19
N ILE A 116 1.13 5.78 -14.18
CA ILE A 116 1.59 4.41 -13.99
C ILE A 116 3.09 4.29 -14.20
N TYR A 117 3.75 3.55 -13.31
CA TYR A 117 5.20 3.36 -13.36
C TYR A 117 5.59 1.94 -12.95
N ARG A 118 6.73 1.49 -13.44
CA ARG A 118 7.38 0.29 -12.93
C ARG A 118 8.76 0.66 -12.39
N THR A 119 9.10 0.13 -11.23
CA THR A 119 10.42 0.26 -10.65
C THR A 119 10.91 -1.14 -10.27
N GLN A 120 12.15 -1.22 -9.83
CA GLN A 120 12.75 -2.49 -9.39
C GLN A 120 13.41 -2.30 -8.04
N ARG A 121 13.17 -3.26 -7.14
CA ARG A 121 13.84 -3.37 -5.86
C ARG A 121 14.85 -4.50 -5.95
N VAL A 122 16.09 -4.20 -5.58
CA VAL A 122 17.18 -5.17 -5.71
C VAL A 122 17.61 -5.65 -4.32
N ASN A 123 17.53 -6.96 -4.09
CA ASN A 123 17.99 -7.56 -2.86
C ASN A 123 17.36 -6.89 -1.63
N GLN A 124 16.04 -6.84 -1.61
CA GLN A 124 15.28 -6.16 -0.57
C GLN A 124 14.32 -7.11 0.12
N PRO A 125 13.81 -6.70 1.29
CA PRO A 125 12.78 -7.52 1.95
C PRO A 125 11.56 -7.73 1.06
N SER A 126 10.93 -8.89 1.25
CA SER A 126 9.70 -9.19 0.52
C SER A 126 8.93 -10.24 1.28
N ILE A 127 7.75 -10.58 0.77
CA ILE A 127 6.95 -11.64 1.36
C ILE A 127 7.61 -13.01 1.26
N ILE A 128 8.68 -13.17 0.46
CA ILE A 128 9.37 -14.46 0.39
C ILE A 128 10.82 -14.33 0.84
N GLY A 129 11.13 -13.29 1.59
CA GLY A 129 12.49 -13.02 2.05
C GLY A 129 13.25 -12.13 1.10
N THR A 130 14.55 -12.00 1.31
CA THR A 130 15.36 -11.10 0.50
C THR A 130 15.25 -11.48 -0.97
N ALA A 131 14.98 -10.51 -1.82
CA ALA A 131 14.66 -10.79 -3.21
C ALA A 131 14.81 -9.55 -4.07
N THR A 132 14.95 -9.79 -5.37
CA THR A 132 14.82 -8.74 -6.37
C THR A 132 13.49 -8.91 -7.05
N PHE A 133 12.75 -7.82 -7.22
CA PHE A 133 11.41 -7.85 -7.74
C PHE A 133 11.00 -6.51 -8.30
N TYR A 134 10.06 -6.52 -9.24
CA TYR A 134 9.46 -5.29 -9.73
C TYR A 134 8.36 -4.80 -8.82
N GLN A 135 8.20 -3.48 -8.85
CA GLN A 135 7.06 -2.81 -8.25
C GLN A 135 6.23 -2.15 -9.34
N TYR A 136 4.91 -2.23 -9.20
CA TYR A 136 3.99 -1.53 -10.08
C TYR A 136 3.31 -0.43 -9.28
N TRP A 137 3.19 0.74 -9.89
CA TRP A 137 2.61 1.91 -9.24
C TRP A 137 1.53 2.52 -10.11
N SER A 138 0.40 2.86 -9.49
CA SER A 138 -0.54 3.85 -10.00
C SER A 138 -0.56 4.96 -8.96
N VAL A 139 -0.28 6.20 -9.36
CA VAL A 139 -0.19 7.32 -8.44
C VAL A 139 -1.29 8.32 -8.74
N ARG A 140 -2.22 8.47 -7.80
CA ARG A 140 -3.38 9.32 -7.99
C ARG A 140 -2.99 10.79 -8.08
N ARG A 141 -3.51 11.49 -9.08
CA ARG A 141 -3.22 12.92 -9.19
C ARG A 141 -3.97 13.76 -8.15
N ASN A 142 -5.22 13.38 -7.85
CA ASN A 142 -6.04 14.13 -6.92
C ASN A 142 -6.07 13.40 -5.59
N HIS A 143 -5.22 13.85 -4.69
CA HIS A 143 -4.99 13.15 -3.43
C HIS A 143 -6.25 13.13 -2.58
N ARG A 144 -6.44 12.05 -1.83
CA ARG A 144 -7.61 11.93 -0.98
C ARG A 144 -7.34 10.92 0.12
N SER A 145 -8.14 10.98 1.19
CA SER A 145 -8.00 10.08 2.31
C SER A 145 -9.25 9.26 2.58
N SER A 146 -10.21 9.29 1.67
CA SER A 146 -11.35 8.39 1.71
C SER A 146 -11.84 8.18 0.30
N GLY A 147 -12.45 7.04 0.05
CA GLY A 147 -12.99 6.75 -1.27
C GLY A 147 -13.05 5.26 -1.51
N SER A 148 -13.26 4.91 -2.77
CA SER A 148 -13.26 3.53 -3.23
C SER A 148 -12.29 3.36 -4.36
N VAL A 149 -11.64 2.21 -4.41
CA VAL A 149 -10.68 1.87 -5.47
C VAL A 149 -11.15 0.61 -6.18
N ASN A 150 -11.43 0.75 -7.47
CA ASN A 150 -11.74 -0.40 -8.32
C ASN A 150 -10.41 -0.96 -8.82
N THR A 151 -9.87 -1.94 -8.10
CA THR A 151 -8.52 -2.42 -8.38
C THR A 151 -8.39 -2.94 -9.82
N ALA A 152 -9.46 -3.51 -10.37
CA ALA A 152 -9.40 -4.09 -11.70
C ALA A 152 -9.01 -3.06 -12.74
N ASN A 153 -9.43 -1.81 -12.55
CA ASN A 153 -9.10 -0.78 -13.52
C ASN A 153 -7.60 -0.57 -13.62
N HIS A 154 -6.93 -0.61 -12.47
CA HIS A 154 -5.48 -0.51 -12.41
C HIS A 154 -4.82 -1.74 -12.97
N PHE A 155 -5.25 -2.92 -12.52
CA PHE A 155 -4.60 -4.12 -12.97
C PHE A 155 -4.72 -4.27 -14.50
N ASN A 156 -5.87 -3.91 -15.05
CA ASN A 156 -6.05 -3.96 -16.50
C ASN A 156 -5.13 -2.97 -17.22
N ALA A 157 -5.02 -1.75 -16.71
CA ALA A 157 -4.14 -0.77 -17.32
C ALA A 157 -2.69 -1.22 -17.29
N TRP A 158 -2.27 -1.77 -16.16
CA TRP A 158 -0.92 -2.29 -16.02
C TRP A 158 -0.66 -3.40 -17.04
N ALA A 159 -1.63 -4.29 -17.18
CA ALA A 159 -1.50 -5.42 -18.10
C ALA A 159 -1.28 -4.96 -19.54
N GLN A 160 -1.86 -3.83 -19.92
CA GLN A 160 -1.72 -3.32 -21.27
C GLN A 160 -0.31 -2.82 -21.54
N GLN A 161 0.48 -2.60 -20.49
CA GLN A 161 1.89 -2.24 -20.61
C GLN A 161 2.81 -3.41 -20.24
N GLY A 162 2.28 -4.63 -20.25
CA GLY A 162 3.08 -5.79 -19.93
C GLY A 162 3.37 -5.95 -18.45
N LEU A 163 2.73 -5.15 -17.61
CA LEU A 163 2.92 -5.26 -16.17
C LEU A 163 1.96 -6.34 -15.66
N THR A 164 2.37 -7.58 -15.85
CA THR A 164 1.64 -8.79 -15.48
C THR A 164 1.67 -9.06 -14.01
N LEU A 165 0.52 -9.42 -13.44
CA LEU A 165 0.45 -9.87 -12.07
C LEU A 165 0.32 -11.37 -11.99
N GLY A 166 0.94 -11.93 -10.97
CA GLY A 166 0.84 -13.35 -10.72
C GLY A 166 -0.39 -13.72 -9.91
N THR A 167 -0.28 -14.80 -9.15
CA THR A 167 -1.36 -15.23 -8.30
C THR A 167 -1.32 -14.35 -7.05
N MET A 168 -2.45 -13.80 -6.64
CA MET A 168 -2.44 -12.79 -5.60
C MET A 168 -2.04 -13.38 -4.25
N ASP A 169 -1.23 -12.60 -3.53
CA ASP A 169 -1.01 -12.80 -2.11
C ASP A 169 -1.83 -11.69 -1.40
N TYR A 170 -1.32 -11.06 -0.35
CA TYR A 170 -2.20 -10.18 0.42
C TYR A 170 -2.49 -8.87 -0.31
N GLN A 171 -3.54 -8.20 0.14
CA GLN A 171 -4.04 -6.97 -0.47
C GLN A 171 -4.68 -6.15 0.63
N ILE A 172 -4.06 -5.02 0.95
CA ILE A 172 -4.49 -4.21 2.09
C ILE A 172 -4.59 -2.74 1.69
N VAL A 173 -5.27 -1.97 2.55
CA VAL A 173 -5.07 -0.53 2.55
C VAL A 173 -3.96 -0.29 3.56
N ALA A 174 -2.84 0.26 3.09
CA ALA A 174 -1.64 0.40 3.89
C ALA A 174 -1.26 1.85 4.10
N VAL A 175 -0.80 2.11 5.31
CA VAL A 175 -0.07 3.32 5.62
C VAL A 175 1.40 2.93 5.67
N GLN A 176 2.21 3.66 4.92
CA GLN A 176 3.65 3.48 4.90
C GLN A 176 4.31 4.79 5.34
N GLY A 177 5.39 4.65 6.10
CA GLY A 177 6.24 5.76 6.45
C GLY A 177 7.68 5.41 6.12
N TYR A 178 8.46 6.41 5.74
CA TYR A 178 9.86 6.19 5.40
C TYR A 178 10.71 7.27 6.07
N PHE A 179 11.25 6.94 7.25
CA PHE A 179 12.10 7.84 8.01
C PHE A 179 11.42 9.18 8.23
N SER A 180 10.20 9.11 8.76
CA SER A 180 9.36 10.28 8.91
C SER A 180 8.56 10.19 10.21
N SER A 181 7.54 11.04 10.31
CA SER A 181 6.63 11.06 11.44
C SER A 181 5.21 11.20 10.89
N GLY A 182 4.22 10.85 11.69
CA GLY A 182 2.84 11.03 11.25
C GLY A 182 1.82 10.34 12.11
N SER A 183 0.58 10.48 11.69
CA SER A 183 -0.56 9.81 12.31
C SER A 183 -1.51 9.39 11.20
N ALA A 184 -2.19 8.26 11.37
CA ALA A 184 -3.23 7.84 10.45
C ALA A 184 -4.19 6.92 11.18
N SER A 185 -5.45 6.98 10.75
CA SER A 185 -6.48 6.15 11.34
C SER A 185 -7.48 5.82 10.24
N ILE A 186 -7.51 4.56 9.81
CA ILE A 186 -8.17 4.19 8.57
C ILE A 186 -9.10 3.01 8.81
N THR A 187 -10.29 3.05 8.22
CA THR A 187 -11.21 1.93 8.23
C THR A 187 -11.40 1.43 6.81
N VAL A 188 -11.19 0.13 6.62
N VAL A 188 -11.25 0.13 6.66
CA VAL A 188 -11.35 -0.50 5.32
CA VAL A 188 -11.32 -0.57 5.39
C VAL A 188 -12.62 -1.32 5.29
C VAL A 188 -12.62 -1.37 5.29
N SER A 189 -13.15 -1.49 4.08
CA SER A 189 -14.18 -2.49 3.81
C SER A 189 -14.14 -2.90 2.34
O1 XYP B . 14.06 14.16 -0.49
C1 XYP B . 14.29 12.84 -0.18
C2 XYP B . 13.39 12.28 0.86
C3 XYP B . 13.53 10.82 1.18
C4 XYP B . 13.57 9.99 -0.20
C5 XYP B . 14.51 10.69 -1.21
O2 XYP B . 13.59 12.95 2.20
O3 XYP B . 12.56 10.30 2.02
O4 XYP B . 14.01 8.80 -0.02
O5 XYP B . 14.19 12.10 -1.38
C1 XYP B . 13.41 7.81 -0.81
C2 XYP B . 14.40 6.73 -0.89
C3 XYP B . 13.79 5.42 -1.54
C4 XYP B . 12.49 5.07 -0.87
C5 XYP B . 11.68 6.29 -0.89
O2 XYP B . 15.58 7.13 -1.62
O3 XYP B . 14.71 4.34 -1.60
O4 XYP B . 11.87 4.06 -1.64
O5 XYP B . 12.24 7.41 -0.16
C1 XYP B . 11.01 3.28 -0.88
C2 XYP B . 9.91 2.75 -1.79
C3 XYP B . 9.08 1.77 -1.09
C4 XYP B . 9.85 0.77 -0.33
C5 XYP B . 10.95 1.42 0.49
O2 XYP B . 9.11 3.83 -2.23
O3 XYP B . 8.22 1.12 -2.05
O4 XYP B . 9.02 0.07 0.60
O5 XYP B . 11.75 2.23 -0.35
C1 XYP B . 8.63 -1.32 0.56
C2 XYP B . 9.73 -2.24 0.09
C3 XYP B . 9.56 -3.71 0.55
C4 XYP B . 8.87 -3.88 1.86
C5 XYP B . 7.91 -2.75 2.19
O2 XYP B . 9.87 -2.20 -1.36
O3 XYP B . 10.87 -4.24 0.52
O4 XYP B . 8.09 -5.07 1.80
O5 XYP B . 8.46 -1.53 1.96
C1 XYP B . 7.92 -5.81 2.98
C2 XYP B . 6.50 -6.33 3.06
C3 XYP B . 6.36 -7.31 4.18
C4 XYP B . 7.40 -8.36 4.15
C5 XYP B . 8.80 -7.72 4.02
O2 XYP B . 5.61 -5.24 3.31
O3 XYP B . 5.06 -7.89 4.13
O4 XYP B . 7.35 -9.10 5.35
O5 XYP B . 8.85 -6.91 2.85
C1 XYP B . 7.98 -10.32 5.45
C2 XYP B . 8.13 -10.70 6.93
C3 XYP B . 8.62 -12.14 7.08
C4 XYP B . 7.85 -13.08 6.30
C5 XYP B . 7.72 -12.60 4.92
O2 XYP B . 9.05 -9.86 7.56
O3 XYP B . 8.63 -12.43 8.49
O4 XYP B . 8.49 -14.38 6.26
O5 XYP B . 7.10 -11.29 4.86
C1 GOL C . -1.80 -16.90 -1.20
O1 GOL C . -0.45 -16.66 -1.55
C2 GOL C . -2.01 -17.14 0.30
O2 GOL C . -1.45 -18.37 0.72
C3 GOL C . -3.49 -17.05 0.66
O3 GOL C . -4.22 -18.27 0.54
C1 GOL D . 4.20 -19.85 -5.45
O1 GOL D . 4.96 -19.03 -4.56
C2 GOL D . 3.14 -20.69 -4.71
O2 GOL D . 2.31 -19.92 -3.85
C3 GOL D . 3.80 -21.77 -3.88
O3 GOL D . 4.61 -22.57 -4.70
C1 GOL E . -18.07 0.33 -9.84
O1 GOL E . -17.58 -0.98 -9.61
C2 GOL E . -18.44 1.07 -8.55
O2 GOL E . -17.28 1.49 -7.87
C3 GOL E . -19.29 2.29 -8.88
O3 GOL E . -18.60 3.12 -9.80
C1 GOL F . 7.65 -15.58 -6.01
O1 GOL F . 7.31 -15.43 -7.37
C2 GOL F . 8.15 -17.00 -5.98
O2 GOL F . 7.16 -17.87 -6.48
C3 GOL F . 8.71 -17.48 -4.65
O3 GOL F . 9.62 -18.49 -4.99
C1 GOL G . 4.26 15.83 13.32
O1 GOL G . 5.66 15.86 13.45
C2 GOL G . 3.78 14.39 13.39
O2 GOL G . 4.54 13.69 14.35
C3 GOL G . 2.31 14.36 13.77
O3 GOL G . 1.95 13.03 14.04
C1 CIT H . -15.24 -10.04 -7.43
O1 CIT H . -16.14 -9.27 -7.82
O2 CIT H . -15.11 -11.15 -7.99
C2 CIT H . -14.30 -9.63 -6.31
C3 CIT H . -14.85 -10.01 -4.94
O7 CIT H . -16.25 -9.62 -4.81
C4 CIT H . -14.72 -11.52 -4.74
C5 CIT H . -15.41 -11.95 -3.46
O3 CIT H . -16.32 -12.81 -3.48
O4 CIT H . -15.06 -11.48 -2.35
C6 CIT H . -13.99 -9.27 -3.94
O5 CIT H . -12.75 -9.44 -3.92
O6 CIT H . -14.54 -8.46 -3.15
#